data_9UJ2
#
_entry.id   9UJ2
#
_cell.length_a   60.555
_cell.length_b   84.452
_cell.length_c   139.873
_cell.angle_alpha   90.00
_cell.angle_beta   90.00
_cell.angle_gamma   90.00
#
_symmetry.space_group_name_H-M   'P 21 21 21'
#
loop_
_entity.id
_entity.type
_entity.pdbx_description
1 polymer '14-3-3 protein zeta/delta,Peptide from Nucleoprotein'
2 polymer '14-3-3 protein zeta/delta,Peptide from Nucleoprotein'
3 non-polymer 1,2-ETHANEDIOL
4 non-polymer DI(HYDROXYETHYL)ETHER
5 water water
#
loop_
_entity_poly.entity_id
_entity_poly.type
_entity_poly.pdbx_seq_one_letter_code
_entity_poly.pdbx_strand_id
1 'polypeptide(L)'
;GPHMDKNELVQKAKLAEQAERYDDMAACMKSVTEQGAELSNEERNLLSVAYKNVVGARRSAWRVVSSIEQKTEGAAAAQQ
MAREYREKIETELRDICNDVLSLLEKFLIPNASQAESKVFYLKMKGDYYRYLAEVAAGDDKKGIVDQSQQAYQEAFEISA
AAMQPTHPIRLGLALNFSVFYYEILNSPEKA(OCY)SLAKTAFDEAIAELDTLSEESYKDSTLIMQLLRDNLTLWTGGGG
SRRG(TPO)SPARMAGN
;
B
2 'polypeptide(L)'
;GPHMDKNELVQKAKLAEQAERYDDMAACMKSVTEQGAELSNEERNLLSVAYKNVVGARRSAWRVVSSIEQKTEGAAAAQQ
MAREYREKIETELRDICNDVLSLLEKFLIPNASQAESKVFYLKMKGDYYRYLAEVAAGDDKKGIVDQSQQAYQEAFEISA
AAMQPTHPIRLGLALNFSVFYYEILNSPEKA(CME)SLAKTAFDEAIAELDTLSEESYKDSTLIMQLLRDNLTLWTGGGG
SRRG(TPO)SPARMAGN
;
A
#
# COMPACT_ATOMS: atom_id res chain seq x y z
N ASP A 5 -8.91 -5.36 -26.80
CA ASP A 5 -9.85 -6.50 -26.64
C ASP A 5 -10.32 -6.56 -25.18
N LYS A 6 -11.62 -6.86 -24.98
CA LYS A 6 -12.30 -6.73 -23.68
C LYS A 6 -11.82 -7.83 -22.73
N ASN A 7 -11.90 -9.08 -23.21
CA ASN A 7 -11.50 -10.26 -22.46
C ASN A 7 -10.04 -10.12 -21.98
N GLU A 8 -9.14 -9.63 -22.82
CA GLU A 8 -7.75 -9.38 -22.44
C GLU A 8 -7.59 -8.33 -21.31
N LEU A 9 -8.22 -7.16 -21.45
CA LEU A 9 -8.21 -6.13 -20.42
C LEU A 9 -8.73 -6.66 -19.07
N VAL A 10 -9.78 -7.51 -19.11
CA VAL A 10 -10.32 -8.10 -17.90
C VAL A 10 -9.29 -9.04 -17.26
N GLN A 11 -8.64 -9.90 -18.07
CA GLN A 11 -7.55 -10.74 -17.59
C GLN A 11 -6.40 -9.91 -16.99
N LYS A 12 -6.02 -8.79 -17.61
CA LYS A 12 -4.93 -7.95 -17.10
C LYS A 12 -5.36 -7.31 -15.77
N ALA A 13 -6.63 -6.87 -15.68
CA ALA A 13 -7.17 -6.32 -14.44
C ALA A 13 -7.09 -7.33 -13.30
N LYS A 14 -7.40 -8.60 -13.54
CA LYS A 14 -7.32 -9.65 -12.53
C LYS A 14 -5.88 -9.85 -12.04
N LEU A 15 -4.94 -9.84 -13.00
CA LEU A 15 -3.53 -9.96 -12.70
C LEU A 15 -3.02 -8.79 -11.85
N ALA A 16 -3.42 -7.56 -12.26
CA ALA A 16 -3.11 -6.35 -11.52
C ALA A 16 -3.64 -6.45 -10.08
N GLU A 17 -4.89 -6.92 -9.91
CA GLU A 17 -5.46 -7.06 -8.58
C GLU A 17 -4.56 -7.97 -7.72
N GLN A 18 -4.18 -9.13 -8.23
CA GLN A 18 -3.27 -10.02 -7.52
C GLN A 18 -1.94 -9.35 -7.14
N ALA A 19 -1.38 -8.53 -8.04
CA ALA A 19 -0.17 -7.76 -7.79
C ALA A 19 -0.35 -6.55 -6.86
N GLU A 20 -1.61 -6.23 -6.50
CA GLU A 20 -2.03 -5.03 -5.75
C GLU A 20 -1.57 -3.78 -6.50
N ARG A 21 -1.60 -3.80 -7.85
CA ARG A 21 -1.27 -2.67 -8.70
C ARG A 21 -2.59 -2.03 -9.14
N TYR A 22 -3.18 -1.24 -8.23
CA TYR A 22 -4.56 -0.81 -8.41
C TYR A 22 -4.71 0.28 -9.46
N ASP A 23 -3.69 1.11 -9.72
CA ASP A 23 -3.75 2.05 -10.83
C ASP A 23 -3.88 1.30 -12.16
N ASP A 24 -3.05 0.25 -12.34
CA ASP A 24 -3.14 -0.61 -13.52
C ASP A 24 -4.53 -1.26 -13.62
N MET A 25 -5.05 -1.76 -12.50
CA MET A 25 -6.35 -2.41 -12.48
C MET A 25 -7.44 -1.42 -12.91
N ALA A 26 -7.39 -0.19 -12.39
CA ALA A 26 -8.36 0.85 -12.71
C ALA A 26 -8.30 1.25 -14.19
N ALA A 27 -7.08 1.46 -14.72
CA ALA A 27 -6.89 1.77 -16.13
C ALA A 27 -7.51 0.69 -17.03
N CYS A 28 -7.32 -0.59 -16.66
CA CYS A 28 -7.91 -1.69 -17.43
C CYS A 28 -9.45 -1.61 -17.44
N MET A 29 -10.04 -1.42 -16.27
CA MET A 29 -11.49 -1.42 -16.14
C MET A 29 -12.16 -0.16 -16.68
N LYS A 30 -11.47 0.98 -16.62
CA LYS A 30 -11.92 2.18 -17.32
C LYS A 30 -11.96 1.94 -18.83
N SER A 31 -10.92 1.31 -19.39
CA SER A 31 -10.90 0.99 -20.81
C SER A 31 -12.04 0.05 -21.21
N VAL A 32 -12.30 -0.97 -20.39
CA VAL A 32 -13.39 -1.91 -20.60
C VAL A 32 -14.73 -1.15 -20.60
N THR A 33 -14.97 -0.35 -19.57
CA THR A 33 -16.21 0.45 -19.45
C THR A 33 -16.44 1.31 -20.70
N GLU A 34 -15.37 2.03 -21.13
CA GLU A 34 -15.42 2.91 -22.28
C GLU A 34 -15.73 2.20 -23.60
N GLN A 35 -15.54 0.86 -23.71
CA GLN A 35 -15.95 0.14 -24.91
C GLN A 35 -17.48 0.09 -25.06
N GLY A 36 -18.22 0.34 -23.98
CA GLY A 36 -19.63 0.69 -24.04
C GLY A 36 -20.55 -0.52 -23.83
N ALA A 37 -20.02 -1.76 -23.75
CA ALA A 37 -20.79 -2.94 -23.41
C ALA A 37 -21.06 -2.95 -21.91
N GLU A 38 -22.22 -3.55 -21.55
CA GLU A 38 -22.56 -3.75 -20.16
C GLU A 38 -21.55 -4.70 -19.52
N LEU A 39 -21.20 -4.41 -18.26
CA LEU A 39 -20.29 -5.24 -17.47
C LEU A 39 -21.02 -6.43 -16.88
N SER A 40 -20.34 -7.57 -16.81
CA SER A 40 -20.70 -8.71 -15.96
C SER A 40 -20.52 -8.39 -14.48
N ASN A 41 -21.07 -9.26 -13.62
CA ASN A 41 -20.89 -9.12 -12.17
C ASN A 41 -19.41 -9.12 -11.78
N GLU A 42 -18.62 -10.03 -12.37
CA GLU A 42 -17.18 -10.09 -12.14
C GLU A 42 -16.46 -8.78 -12.51
N GLU A 43 -16.82 -8.20 -13.66
CA GLU A 43 -16.25 -6.96 -14.16
C GLU A 43 -16.65 -5.77 -13.31
N ARG A 44 -17.90 -5.73 -12.82
CA ARG A 44 -18.31 -4.71 -11.87
C ARG A 44 -17.44 -4.79 -10.63
N ASN A 45 -17.26 -6.00 -10.10
CA ASN A 45 -16.45 -6.17 -8.90
C ASN A 45 -15.01 -5.71 -9.15
N LEU A 46 -14.44 -6.01 -10.32
CA LEU A 46 -13.10 -5.52 -10.68
C LEU A 46 -13.03 -4.00 -10.70
N LEU A 47 -14.01 -3.34 -11.36
CA LEU A 47 -14.09 -1.90 -11.38
C LEU A 47 -14.19 -1.32 -9.96
N SER A 48 -15.06 -1.90 -9.15
CA SER A 48 -15.31 -1.45 -7.81
C SER A 48 -14.06 -1.54 -6.92
N VAL A 49 -13.40 -2.71 -7.00
CA VAL A 49 -12.18 -2.93 -6.21
C VAL A 49 -11.10 -1.94 -6.63
N ALA A 50 -10.90 -1.77 -7.96
CA ALA A 50 -9.82 -0.96 -8.46
C ALA A 50 -9.94 0.46 -7.93
N TYR A 51 -11.11 1.09 -8.14
CA TYR A 51 -11.31 2.47 -7.71
C TYR A 51 -11.36 2.62 -6.19
N LYS A 52 -11.87 1.63 -5.44
N LYS A 52 -11.87 1.63 -5.44
CA LYS A 52 -11.89 1.72 -3.99
CA LYS A 52 -11.90 1.70 -3.99
C LYS A 52 -10.47 1.88 -3.44
C LYS A 52 -10.48 1.87 -3.44
N ASN A 53 -9.55 1.11 -4.01
CA ASN A 53 -8.15 1.16 -3.61
C ASN A 53 -7.48 2.44 -4.08
N VAL A 54 -7.79 2.92 -5.32
CA VAL A 54 -7.11 4.08 -5.86
C VAL A 54 -7.58 5.30 -5.05
N VAL A 55 -8.90 5.42 -4.80
CA VAL A 55 -9.39 6.56 -4.03
C VAL A 55 -8.99 6.41 -2.55
N GLY A 56 -9.03 5.18 -2.02
CA GLY A 56 -8.74 4.91 -0.62
C GLY A 56 -7.37 5.40 -0.18
N ALA A 57 -6.34 5.24 -1.03
CA ALA A 57 -4.97 5.74 -0.77
C ALA A 57 -4.99 7.24 -0.47
N ARG A 58 -5.78 7.99 -1.25
CA ARG A 58 -5.95 9.43 -1.06
C ARG A 58 -6.81 9.77 0.16
N ARG A 59 -7.87 9.01 0.41
CA ARG A 59 -8.71 9.23 1.60
C ARG A 59 -7.92 9.06 2.90
N SER A 60 -7.13 7.98 3.00
N SER A 60 -7.12 7.98 3.00
CA SER A 60 -6.20 7.71 4.10
CA SER A 60 -6.22 7.74 4.12
C SER A 60 -5.20 8.85 4.29
C SER A 60 -5.20 8.86 4.30
N ALA A 61 -4.54 9.24 3.19
CA ALA A 61 -3.49 10.27 3.22
C ALA A 61 -4.10 11.62 3.62
N TRP A 62 -5.31 11.89 3.09
CA TRP A 62 -6.03 13.11 3.42
C TRP A 62 -6.33 13.25 4.91
N ARG A 63 -6.81 12.18 5.55
CA ARG A 63 -7.15 12.21 6.98
C ARG A 63 -5.90 12.44 7.83
N VAL A 64 -4.78 11.79 7.46
CA VAL A 64 -3.53 11.98 8.17
C VAL A 64 -3.06 13.43 8.03
N VAL A 65 -3.01 13.95 6.81
CA VAL A 65 -2.44 15.29 6.59
C VAL A 65 -3.35 16.36 7.21
N SER A 66 -4.66 16.21 7.08
CA SER A 66 -5.66 17.10 7.69
C SER A 66 -5.52 17.13 9.22
N SER A 67 -5.38 15.97 9.85
CA SER A 67 -5.08 15.87 11.27
C SER A 67 -3.79 16.60 11.67
N ILE A 68 -2.68 16.39 10.91
CA ILE A 68 -1.42 17.10 11.17
C ILE A 68 -1.61 18.61 11.03
N GLU A 69 -2.35 19.07 10.00
CA GLU A 69 -2.66 20.48 9.79
C GLU A 69 -3.31 21.14 11.02
N GLN A 70 -4.32 20.45 11.58
CA GLN A 70 -5.06 20.87 12.77
C GLN A 70 -4.19 20.82 14.03
N LYS A 71 -3.27 19.85 14.17
CA LYS A 71 -2.36 19.66 15.31
C LYS A 71 -1.53 20.91 15.60
N THR A 72 -0.99 21.53 14.53
CA THR A 72 -0.64 22.94 14.52
C THR A 72 -1.84 23.75 14.08
N ALA A 76 3.32 27.32 11.93
CA ALA A 76 2.66 28.24 10.98
C ALA A 76 3.14 28.02 9.53
N ALA A 77 4.46 28.03 9.32
CA ALA A 77 5.08 27.58 8.07
C ALA A 77 4.88 26.07 7.87
N ALA A 78 4.97 25.30 8.97
CA ALA A 78 4.54 23.91 9.05
C ALA A 78 3.06 23.71 8.70
N GLN A 79 2.21 24.60 9.25
CA GLN A 79 0.78 24.57 8.97
C GLN A 79 0.51 24.85 7.48
N GLN A 80 1.24 25.82 6.88
CA GLN A 80 1.12 26.11 5.45
C GLN A 80 1.48 24.88 4.60
N MET A 81 2.62 24.23 4.91
CA MET A 81 3.02 23.04 4.17
C MET A 81 1.97 21.94 4.26
N ALA A 82 1.45 21.68 5.46
CA ALA A 82 0.38 20.71 5.65
C ALA A 82 -0.86 21.07 4.82
N ARG A 83 -1.25 22.36 4.81
CA ARG A 83 -2.38 22.83 3.99
C ARG A 83 -2.15 22.53 2.52
N GLU A 84 -0.99 22.93 2.00
CA GLU A 84 -0.71 22.82 0.58
C GLU A 84 -0.61 21.35 0.16
N TYR A 85 -0.10 20.49 1.04
CA TYR A 85 -0.06 19.06 0.78
C TYR A 85 -1.46 18.43 0.78
N ARG A 86 -2.30 18.82 1.76
CA ARG A 86 -3.71 18.45 1.77
C ARG A 86 -4.41 18.81 0.43
N GLU A 87 -4.16 20.01 -0.09
CA GLU A 87 -4.77 20.48 -1.32
C GLU A 87 -4.33 19.65 -2.54
N LYS A 88 -3.05 19.27 -2.58
CA LYS A 88 -2.53 18.36 -3.62
C LYS A 88 -3.26 17.03 -3.60
N ILE A 89 -3.44 16.47 -2.38
CA ILE A 89 -4.14 15.22 -2.19
C ILE A 89 -5.61 15.35 -2.59
N GLU A 90 -6.24 16.45 -2.20
CA GLU A 90 -7.61 16.79 -2.57
C GLU A 90 -7.79 16.85 -4.09
N THR A 91 -6.85 17.48 -4.82
CA THR A 91 -6.96 17.56 -6.28
C THR A 91 -6.95 16.14 -6.87
N GLU A 92 -6.03 15.27 -6.43
CA GLU A 92 -6.01 13.88 -6.89
C GLU A 92 -7.33 13.17 -6.57
N LEU A 93 -7.83 13.38 -5.35
CA LEU A 93 -9.04 12.74 -4.88
C LEU A 93 -10.24 13.15 -5.77
N ARG A 94 -10.36 14.44 -6.08
N ARG A 94 -10.37 14.45 -6.08
CA ARG A 94 -11.42 14.96 -6.95
CA ARG A 94 -11.41 14.98 -6.95
C ARG A 94 -11.33 14.39 -8.36
C ARG A 94 -11.33 14.40 -8.36
N ASP A 95 -10.10 14.32 -8.90
CA ASP A 95 -9.85 13.76 -10.23
C ASP A 95 -10.24 12.29 -10.29
N ILE A 96 -9.95 11.51 -9.23
CA ILE A 96 -10.32 10.10 -9.16
C ILE A 96 -11.85 9.98 -9.12
N CYS A 97 -12.50 10.74 -8.22
CA CYS A 97 -13.94 10.76 -8.12
C CYS A 97 -14.63 11.18 -9.43
N ASN A 98 -14.07 12.17 -10.11
CA ASN A 98 -14.62 12.65 -11.38
C ASN A 98 -14.53 11.58 -12.46
N ASP A 99 -13.42 10.83 -12.52
CA ASP A 99 -13.31 9.73 -13.49
C ASP A 99 -14.42 8.70 -13.29
N VAL A 100 -14.61 8.26 -12.05
CA VAL A 100 -15.60 7.24 -11.72
C VAL A 100 -17.00 7.76 -12.04
N LEU A 101 -17.29 8.94 -11.54
CA LEU A 101 -18.61 9.54 -11.74
C LEU A 101 -18.94 9.72 -13.23
N SER A 102 -17.95 10.11 -14.05
CA SER A 102 -18.13 10.19 -15.49
C SER A 102 -18.46 8.86 -16.13
N LEU A 103 -17.74 7.79 -15.76
CA LEU A 103 -17.99 6.43 -16.25
C LEU A 103 -19.43 6.00 -15.94
N LEU A 104 -19.86 6.30 -14.71
CA LEU A 104 -21.20 5.98 -14.24
C LEU A 104 -22.26 6.73 -15.03
N GLU A 105 -22.08 8.03 -15.21
CA GLU A 105 -23.03 8.87 -15.91
C GLU A 105 -23.04 8.57 -17.41
N LYS A 106 -21.86 8.46 -18.05
CA LYS A 106 -21.75 8.30 -19.48
C LYS A 106 -22.11 6.88 -19.94
N PHE A 107 -21.74 5.81 -19.20
CA PHE A 107 -21.85 4.44 -19.67
C PHE A 107 -22.72 3.56 -18.76
N LEU A 108 -22.38 3.47 -17.47
CA LEU A 108 -22.79 2.33 -16.66
C LEU A 108 -24.26 2.44 -16.25
N ILE A 109 -24.66 3.60 -15.70
CA ILE A 109 -26.05 3.80 -15.26
C ILE A 109 -26.98 3.75 -16.48
N PRO A 110 -26.83 4.55 -17.57
CA PRO A 110 -27.82 4.53 -18.66
C PRO A 110 -27.96 3.22 -19.42
N ASN A 111 -26.91 2.36 -19.44
CA ASN A 111 -26.94 1.10 -20.17
C ASN A 111 -27.26 -0.10 -19.29
N ALA A 112 -27.45 0.09 -17.97
CA ALA A 112 -27.71 -1.01 -17.04
C ALA A 112 -29.10 -1.58 -17.33
N SER A 113 -29.13 -2.82 -17.84
CA SER A 113 -30.33 -3.53 -18.27
C SER A 113 -30.98 -4.40 -17.19
N GLN A 114 -30.42 -4.45 -15.98
CA GLN A 114 -30.92 -5.21 -14.84
C GLN A 114 -31.00 -4.27 -13.64
N ALA A 115 -32.01 -4.47 -12.77
CA ALA A 115 -32.13 -3.66 -11.56
C ALA A 115 -30.93 -3.84 -10.63
N GLU A 116 -30.40 -5.07 -10.53
CA GLU A 116 -29.24 -5.32 -9.68
C GLU A 116 -28.05 -4.43 -10.04
N SER A 117 -27.71 -4.36 -11.35
N SER A 117 -27.71 -4.36 -11.35
CA SER A 117 -26.59 -3.55 -11.82
CA SER A 117 -26.60 -3.55 -11.81
C SER A 117 -26.90 -2.06 -11.65
C SER A 117 -26.90 -2.06 -11.65
N LYS A 118 -28.14 -1.66 -11.92
CA LYS A 118 -28.54 -0.26 -11.78
C LYS A 118 -28.38 0.21 -10.32
N VAL A 119 -28.85 -0.59 -9.36
CA VAL A 119 -28.65 -0.32 -7.92
C VAL A 119 -27.16 -0.25 -7.61
N PHE A 120 -26.37 -1.23 -8.09
CA PHE A 120 -24.94 -1.26 -7.82
C PHE A 120 -24.30 0.07 -8.23
N TYR A 121 -24.64 0.57 -9.43
CA TYR A 121 -24.07 1.79 -9.97
C TYR A 121 -24.61 3.04 -9.29
N LEU A 122 -25.90 3.10 -8.96
CA LEU A 122 -26.47 4.23 -8.23
C LEU A 122 -25.83 4.32 -6.85
N LYS A 123 -25.61 3.17 -6.18
CA LYS A 123 -24.84 3.09 -4.93
C LYS A 123 -23.42 3.62 -5.10
N MET A 124 -22.73 3.18 -6.17
CA MET A 124 -21.39 3.68 -6.46
CA MET A 124 -21.38 3.67 -6.47
C MET A 124 -21.36 5.19 -6.67
N LYS A 125 -22.37 5.75 -7.38
CA LYS A 125 -22.47 7.19 -7.56
C LYS A 125 -22.61 7.91 -6.20
N GLY A 126 -23.48 7.39 -5.34
CA GLY A 126 -23.62 7.88 -3.99
C GLY A 126 -22.27 7.86 -3.23
N ASP A 127 -21.54 6.76 -3.35
CA ASP A 127 -20.24 6.56 -2.70
C ASP A 127 -19.23 7.62 -3.15
N TYR A 128 -19.08 7.82 -4.48
CA TYR A 128 -18.03 8.70 -5.01
C TYR A 128 -18.35 10.17 -4.73
N TYR A 129 -19.64 10.55 -4.80
CA TYR A 129 -20.06 11.87 -4.34
C TYR A 129 -19.83 11.99 -2.83
N ARG A 130 -20.05 10.92 -2.04
CA ARG A 130 -19.79 10.94 -0.61
C ARG A 130 -18.29 11.16 -0.29
N TYR A 131 -17.40 10.54 -1.04
CA TYR A 131 -15.98 10.79 -0.90
C TYR A 131 -15.62 12.23 -1.27
N LEU A 132 -16.23 12.81 -2.31
CA LEU A 132 -16.12 14.24 -2.58
C LEU A 132 -16.60 15.07 -1.38
N ALA A 133 -17.72 14.67 -0.76
CA ALA A 133 -18.30 15.41 0.35
C ALA A 133 -17.39 15.38 1.60
N GLU A 134 -16.54 14.35 1.73
CA GLU A 134 -15.57 14.27 2.81
C GLU A 134 -14.57 15.44 2.83
N VAL A 135 -14.25 16.03 1.68
CA VAL A 135 -13.25 17.09 1.62
C VAL A 135 -13.84 18.43 1.13
N ALA A 136 -15.13 18.51 0.70
CA ALA A 136 -15.62 19.72 0.08
C ALA A 136 -15.92 20.79 1.14
N ALA A 137 -15.92 22.08 0.73
CA ALA A 137 -16.40 23.21 1.54
C ALA A 137 -17.30 24.20 0.74
N GLY A 138 -18.02 25.10 1.46
CA GLY A 138 -18.70 26.24 0.85
C GLY A 138 -19.94 25.86 0.00
N ASP A 139 -20.24 26.68 -1.03
CA ASP A 139 -21.41 26.45 -1.89
C ASP A 139 -21.31 25.08 -2.60
N ASP A 140 -20.11 24.68 -3.03
CA ASP A 140 -19.80 23.41 -3.72
C ASP A 140 -20.22 22.15 -2.95
N LYS A 141 -20.01 22.15 -1.63
CA LYS A 141 -20.33 21.03 -0.76
C LYS A 141 -21.82 20.71 -0.78
N LYS A 142 -22.66 21.75 -0.69
CA LYS A 142 -24.11 21.57 -0.76
C LYS A 142 -24.53 20.80 -2.00
N GLY A 143 -24.02 21.18 -3.18
CA GLY A 143 -24.29 20.47 -4.42
C GLY A 143 -23.86 19.01 -4.42
N ILE A 144 -22.67 18.75 -3.87
CA ILE A 144 -22.11 17.41 -3.80
C ILE A 144 -22.95 16.51 -2.88
N VAL A 145 -23.29 17.02 -1.69
CA VAL A 145 -24.08 16.29 -0.71
C VAL A 145 -25.44 15.92 -1.30
N ASP A 146 -26.12 16.87 -1.95
CA ASP A 146 -27.40 16.62 -2.62
C ASP A 146 -27.28 15.54 -3.72
N GLN A 147 -26.19 15.55 -4.49
CA GLN A 147 -25.96 14.52 -5.51
C GLN A 147 -25.79 13.14 -4.88
N SER A 148 -25.03 13.07 -3.78
CA SER A 148 -24.83 11.79 -3.08
C SER A 148 -26.17 11.27 -2.59
N GLN A 149 -26.93 12.16 -1.90
CA GLN A 149 -28.18 11.74 -1.29
C GLN A 149 -29.20 11.26 -2.36
N GLN A 150 -29.31 11.99 -3.47
CA GLN A 150 -30.24 11.67 -4.57
C GLN A 150 -29.89 10.31 -5.17
N ALA A 151 -28.59 10.01 -5.30
CA ALA A 151 -28.15 8.76 -5.90
C ALA A 151 -28.44 7.59 -4.97
N TYR A 152 -28.10 7.77 -3.68
CA TYR A 152 -28.45 6.78 -2.67
C TYR A 152 -29.95 6.56 -2.56
N GLN A 153 -30.76 7.62 -2.57
CA GLN A 153 -32.19 7.47 -2.42
C GLN A 153 -32.81 6.66 -3.58
N GLU A 154 -32.38 6.96 -4.81
CA GLU A 154 -32.85 6.23 -5.98
C GLU A 154 -32.43 4.75 -5.90
N ALA A 155 -31.16 4.51 -5.53
CA ALA A 155 -30.71 3.14 -5.31
C ALA A 155 -31.57 2.45 -4.25
N PHE A 156 -31.89 3.15 -3.15
CA PHE A 156 -32.62 2.56 -2.03
C PHE A 156 -34.05 2.17 -2.44
N GLU A 157 -34.72 3.02 -3.20
CA GLU A 157 -36.07 2.76 -3.67
C GLU A 157 -36.10 1.59 -4.65
N ILE A 158 -35.15 1.53 -5.59
CA ILE A 158 -35.11 0.44 -6.58
C ILE A 158 -34.84 -0.87 -5.84
N SER A 159 -33.86 -0.85 -4.93
CA SER A 159 -33.50 -2.01 -4.15
C SER A 159 -34.64 -2.46 -3.26
N ALA A 160 -35.35 -1.52 -2.61
CA ALA A 160 -36.49 -1.86 -1.78
C ALA A 160 -37.58 -2.65 -2.54
N ALA A 161 -37.72 -2.47 -3.83
CA ALA A 161 -38.73 -3.21 -4.58
C ALA A 161 -38.17 -4.35 -5.44
N ALA A 162 -36.89 -4.33 -5.82
CA ALA A 162 -36.31 -5.37 -6.69
C ALA A 162 -35.67 -6.52 -5.91
N MET A 163 -35.10 -6.21 -4.73
CA MET A 163 -34.12 -7.07 -4.08
C MET A 163 -34.68 -7.55 -2.74
N GLN A 164 -34.26 -8.78 -2.38
CA GLN A 164 -34.60 -9.37 -1.09
CA GLN A 164 -34.61 -9.36 -1.09
C GLN A 164 -33.74 -8.69 -0.03
N PRO A 165 -34.21 -8.62 1.25
CA PRO A 165 -33.41 -7.92 2.28
C PRO A 165 -32.01 -8.49 2.56
N THR A 166 -31.79 -9.77 2.24
CA THR A 166 -30.48 -10.42 2.39
C THR A 166 -29.51 -10.19 1.23
N HIS A 167 -29.95 -9.51 0.15
CA HIS A 167 -29.13 -9.33 -1.04
C HIS A 167 -27.91 -8.50 -0.64
N PRO A 168 -26.68 -8.98 -0.89
CA PRO A 168 -25.49 -8.21 -0.51
C PRO A 168 -25.46 -6.74 -0.97
N ILE A 169 -26.02 -6.45 -2.15
CA ILE A 169 -26.06 -5.08 -2.68
C ILE A 169 -27.02 -4.23 -1.83
N ARG A 170 -28.21 -4.74 -1.53
CA ARG A 170 -29.15 -4.09 -0.65
C ARG A 170 -28.53 -3.83 0.73
N LEU A 171 -27.84 -4.84 1.29
CA LEU A 171 -27.17 -4.66 2.59
C LEU A 171 -26.06 -3.60 2.50
N GLY A 172 -25.20 -3.73 1.48
CA GLY A 172 -24.09 -2.78 1.26
C GLY A 172 -24.53 -1.35 1.07
N LEU A 173 -25.62 -1.16 0.31
CA LEU A 173 -26.23 0.15 0.15
C LEU A 173 -26.74 0.67 1.51
N ALA A 174 -27.46 -0.18 2.26
CA ALA A 174 -27.96 0.24 3.57
C ALA A 174 -26.81 0.71 4.48
N LEU A 175 -25.76 -0.13 4.52
CA LEU A 175 -24.56 0.22 5.27
C LEU A 175 -24.03 1.61 4.89
N ASN A 176 -23.79 1.86 3.59
CA ASN A 176 -23.16 3.10 3.13
C ASN A 176 -24.09 4.31 3.25
N PHE A 177 -25.38 4.12 2.94
CA PHE A 177 -26.34 5.19 3.12
C PHE A 177 -26.46 5.57 4.60
N SER A 178 -26.48 4.56 5.50
N SER A 178 -26.47 4.56 5.51
CA SER A 178 -26.44 4.81 6.95
CA SER A 178 -26.41 4.77 6.97
C SER A 178 -25.23 5.65 7.36
C SER A 178 -25.22 5.66 7.36
N VAL A 179 -24.05 5.35 6.78
CA VAL A 179 -22.82 6.10 7.08
C VAL A 179 -22.92 7.53 6.58
N PHE A 180 -23.47 7.70 5.37
CA PHE A 180 -23.76 9.03 4.85
C PHE A 180 -24.62 9.87 5.79
N TYR A 181 -25.70 9.30 6.31
CA TYR A 181 -26.51 10.02 7.27
C TYR A 181 -25.67 10.37 8.49
N TYR A 182 -24.88 9.40 8.97
CA TYR A 182 -24.17 9.56 10.23
C TYR A 182 -23.17 10.70 10.15
N GLU A 183 -22.29 10.64 9.14
CA GLU A 183 -21.12 11.48 9.12
C GLU A 183 -21.16 12.60 8.07
N ILE A 184 -21.98 12.51 7.03
CA ILE A 184 -22.06 13.62 6.07
C ILE A 184 -23.19 14.56 6.49
N LEU A 185 -24.38 14.01 6.78
CA LEU A 185 -25.52 14.81 7.24
C LEU A 185 -25.53 15.07 8.74
N ASN A 186 -24.69 14.40 9.53
CA ASN A 186 -24.65 14.54 11.01
C ASN A 186 -26.02 14.26 11.59
N SER A 187 -26.60 13.11 11.21
CA SER A 187 -27.94 12.64 11.56
C SER A 187 -27.85 11.26 12.20
N PRO A 188 -27.34 11.14 13.45
CA PRO A 188 -26.97 9.80 13.96
C PRO A 188 -28.16 8.89 14.24
N GLU A 189 -29.26 9.46 14.69
CA GLU A 189 -30.47 8.68 15.00
C GLU A 189 -31.01 8.08 13.69
N LYS A 190 -31.09 8.91 12.63
CA LYS A 190 -31.51 8.46 11.30
C LYS A 190 -30.57 7.40 10.76
N ALA A 191 -29.25 7.61 10.93
CA ALA A 191 -28.25 6.62 10.51
C ALA A 191 -28.47 5.28 11.22
N SER A 193 -31.32 4.17 12.68
CA SER A 193 -32.61 3.65 12.26
C SER A 193 -32.43 2.90 10.93
N LEU A 194 -31.79 3.53 9.95
CA LEU A 194 -31.56 2.91 8.63
C LEU A 194 -30.78 1.58 8.75
N ALA A 195 -29.68 1.58 9.51
CA ALA A 195 -28.82 0.40 9.67
C ALA A 195 -29.57 -0.74 10.37
N LYS A 196 -30.24 -0.40 11.46
CA LYS A 196 -31.00 -1.36 12.27
C LYS A 196 -32.16 -1.97 11.48
N THR A 197 -32.93 -1.15 10.78
CA THR A 197 -34.01 -1.62 9.89
C THR A 197 -33.46 -2.66 8.89
N ALA A 198 -32.35 -2.32 8.21
CA ALA A 198 -31.75 -3.19 7.22
C ALA A 198 -31.31 -4.53 7.86
N PHE A 199 -30.66 -4.47 9.03
CA PHE A 199 -30.27 -5.65 9.78
C PHE A 199 -31.50 -6.50 10.16
N ASP A 200 -32.56 -5.90 10.67
CA ASP A 200 -33.74 -6.62 11.14
C ASP A 200 -34.52 -7.25 9.99
N GLU A 201 -34.60 -6.53 8.85
CA GLU A 201 -35.27 -7.05 7.67
C GLU A 201 -34.54 -8.28 7.12
N ALA A 202 -33.20 -8.24 7.14
CA ALA A 202 -32.39 -9.39 6.74
C ALA A 202 -32.62 -10.61 7.66
N ILE A 203 -32.59 -10.42 8.99
CA ILE A 203 -32.93 -11.46 9.96
C ILE A 203 -34.31 -12.05 9.67
N ALA A 204 -35.32 -11.16 9.49
CA ALA A 204 -36.70 -11.60 9.32
C ALA A 204 -36.89 -12.37 8.02
N GLU A 205 -36.07 -12.08 6.98
CA GLU A 205 -36.14 -12.78 5.69
C GLU A 205 -34.89 -13.58 5.38
N LEU A 206 -34.32 -14.25 6.41
CA LEU A 206 -33.21 -15.17 6.21
C LEU A 206 -33.56 -16.37 5.34
N ASP A 207 -34.86 -16.69 5.24
CA ASP A 207 -35.37 -17.72 4.34
C ASP A 207 -35.01 -17.49 2.85
N THR A 208 -34.81 -16.24 2.43
CA THR A 208 -34.50 -15.83 1.07
C THR A 208 -32.97 -15.82 0.86
N LEU A 209 -32.14 -15.95 1.92
CA LEU A 209 -30.68 -15.95 1.78
C LEU A 209 -30.22 -17.30 1.27
N SER A 210 -29.75 -17.36 0.00
CA SER A 210 -29.25 -18.58 -0.58
C SER A 210 -27.98 -19.00 0.17
N GLU A 211 -27.75 -20.29 0.21
CA GLU A 211 -26.52 -20.88 0.73
C GLU A 211 -25.27 -20.26 0.07
N GLU A 212 -25.31 -20.03 -1.25
CA GLU A 212 -24.21 -19.46 -2.02
C GLU A 212 -23.92 -18.03 -1.59
N SER A 213 -24.97 -17.25 -1.25
CA SER A 213 -24.83 -15.90 -0.78
C SER A 213 -24.51 -15.74 0.72
N TYR A 214 -24.57 -16.81 1.54
CA TYR A 214 -24.53 -16.67 2.99
C TYR A 214 -23.30 -15.85 3.47
N LYS A 215 -22.11 -16.24 3.00
CA LYS A 215 -20.86 -15.61 3.43
C LYS A 215 -20.84 -14.12 3.09
N ASP A 216 -21.18 -13.81 1.84
CA ASP A 216 -21.25 -12.43 1.37
C ASP A 216 -22.21 -11.57 2.19
N SER A 217 -23.42 -12.08 2.39
CA SER A 217 -24.49 -11.32 3.02
C SER A 217 -24.20 -11.13 4.50
N THR A 218 -23.81 -12.22 5.17
CA THR A 218 -23.53 -12.19 6.61
C THR A 218 -22.35 -11.29 6.95
N LEU A 219 -21.34 -11.21 6.07
CA LEU A 219 -20.26 -10.24 6.27
C LEU A 219 -20.80 -8.82 6.44
N ILE A 220 -21.75 -8.42 5.60
CA ILE A 220 -22.27 -7.06 5.58
C ILE A 220 -23.23 -6.89 6.78
N MET A 221 -24.02 -7.91 7.13
CA MET A 221 -24.84 -7.90 8.34
C MET A 221 -23.98 -7.62 9.58
N GLN A 222 -22.80 -8.29 9.61
CA GLN A 222 -21.81 -8.03 10.64
C GLN A 222 -21.31 -6.59 10.67
N LEU A 223 -21.10 -5.97 9.51
CA LEU A 223 -20.66 -4.56 9.46
C LEU A 223 -21.76 -3.64 10.00
N LEU A 224 -23.03 -3.91 9.62
CA LEU A 224 -24.17 -3.18 10.19
C LEU A 224 -24.18 -3.24 11.71
N ARG A 225 -24.11 -4.49 12.25
CA ARG A 225 -24.07 -4.67 13.71
C ARG A 225 -22.92 -3.87 14.33
N ASP A 226 -21.72 -3.98 13.74
CA ASP A 226 -20.54 -3.35 14.35
C ASP A 226 -20.66 -1.82 14.38
N ASN A 227 -21.22 -1.22 13.31
CA ASN A 227 -21.50 0.21 13.29
C ASN A 227 -22.53 0.57 14.35
N LEU A 228 -23.61 -0.25 14.51
CA LEU A 228 -24.57 -0.02 15.59
C LEU A 228 -23.93 -0.11 16.99
N THR A 229 -22.95 -1.01 17.24
CA THR A 229 -22.24 -1.15 18.50
C THR A 229 -21.42 0.11 18.77
N LEU A 230 -20.66 0.53 17.78
CA LEU A 230 -19.88 1.77 17.80
C LEU A 230 -20.77 2.97 18.09
N TRP A 231 -21.86 3.11 17.36
CA TRP A 231 -22.69 4.32 17.44
C TRP A 231 -23.56 4.41 18.71
N THR A 232 -23.79 3.29 19.40
CA THR A 232 -24.47 3.23 20.70
C THR A 232 -23.51 3.15 21.89
N GLY A 233 -22.21 3.31 21.72
CA GLY A 233 -21.29 3.44 22.84
C GLY A 233 -20.65 2.13 23.30
N GLY A 234 -20.83 1.02 22.55
CA GLY A 234 -20.22 -0.27 22.83
C GLY A 234 -18.80 -0.47 22.29
N GLY A 235 -18.17 0.56 21.71
CA GLY A 235 -16.77 0.49 21.33
C GLY A 235 -16.62 0.04 19.88
N GLY A 236 -15.37 0.16 19.42
CA GLY A 236 -14.87 -0.35 18.15
C GLY A 236 -13.89 0.64 17.49
N SER A 237 -13.30 0.21 16.38
CA SER A 237 -12.46 1.04 15.52
C SER A 237 -13.36 1.86 14.57
N ARG A 238 -12.74 2.55 13.62
CA ARG A 238 -13.39 3.32 12.59
C ARG A 238 -14.57 2.55 12.00
N ARG A 239 -15.71 3.26 11.82
CA ARG A 239 -16.91 2.67 11.25
C ARG A 239 -16.61 1.97 9.94
N GLY A 240 -17.41 0.93 9.62
CA GLY A 240 -17.24 0.22 8.36
C GLY A 240 -18.15 0.78 7.26
N SER A 242 -19.07 -0.59 2.99
CA SER A 242 -19.27 -1.83 2.28
C SER A 242 -17.97 -2.29 1.65
N PRO A 243 -17.72 -3.62 1.59
CA PRO A 243 -16.67 -4.11 0.72
C PRO A 243 -16.93 -3.72 -0.71
N ALA A 244 -15.85 -3.46 -1.46
CA ALA A 244 -15.90 -3.22 -2.90
C ALA A 244 -16.52 -4.39 -3.65
N ARG A 245 -16.15 -5.62 -3.27
CA ARG A 245 -16.73 -6.84 -3.85
C ARG A 245 -17.80 -7.32 -2.87
N MET A 246 -19.08 -6.95 -3.14
CA MET A 246 -20.21 -7.28 -2.28
C MET A 246 -20.72 -8.71 -2.50
N ALA A 247 -20.88 -9.16 -3.75
CA ALA A 247 -21.50 -10.44 -4.09
C ALA A 247 -20.64 -11.18 -5.13
N GLY A 248 -20.30 -12.46 -4.83
CA GLY A 248 -19.69 -13.36 -5.79
C GLY A 248 -18.22 -13.03 -6.05
N ASN A 249 -17.67 -13.62 -7.14
CA ASN A 249 -16.32 -13.41 -7.65
C ASN A 249 -16.13 -11.99 -8.22
N ASP B 5 14.99 24.64 -0.95
CA ASP B 5 15.60 24.64 0.41
C ASP B 5 15.56 23.22 1.02
N LYS B 6 16.66 22.83 1.70
CA LYS B 6 16.88 21.48 2.24
C LYS B 6 15.93 21.22 3.41
N ASN B 7 15.89 22.13 4.40
CA ASN B 7 15.01 22.01 5.56
C ASN B 7 13.54 21.81 5.14
N GLU B 8 13.05 22.57 4.16
CA GLU B 8 11.71 22.43 3.61
C GLU B 8 11.43 21.06 2.99
N LEU B 9 12.29 20.62 2.07
CA LEU B 9 12.22 19.28 1.49
C LEU B 9 12.17 18.18 2.53
N VAL B 10 12.99 18.30 3.58
CA VAL B 10 13.04 17.33 4.67
C VAL B 10 11.69 17.31 5.42
N GLN B 11 11.13 18.49 5.73
CA GLN B 11 9.82 18.59 6.37
C GLN B 11 8.74 17.96 5.46
N LYS B 12 8.80 18.19 4.13
CA LYS B 12 7.86 17.58 3.20
C LYS B 12 8.03 16.05 3.18
N ALA B 13 9.27 15.56 3.24
CA ALA B 13 9.53 14.13 3.28
C ALA B 13 8.89 13.48 4.52
N LYS B 14 9.00 14.10 5.69
CA LYS B 14 8.42 13.61 6.94
C LYS B 14 6.87 13.57 6.87
N LEU B 15 6.29 14.60 6.25
CA LEU B 15 4.86 14.66 6.00
C LEU B 15 4.40 13.53 5.08
N ALA B 16 5.11 13.34 3.97
CA ALA B 16 4.88 12.25 3.05
C ALA B 16 4.94 10.88 3.73
N GLU B 17 5.94 10.70 4.61
CA GLU B 17 6.06 9.45 5.34
C GLU B 17 4.81 9.16 6.17
N GLN B 18 4.33 10.17 6.90
CA GLN B 18 3.11 10.04 7.69
C GLN B 18 1.91 9.66 6.82
N ALA B 19 1.80 10.28 5.64
CA ALA B 19 0.77 10.00 4.65
C ALA B 19 0.93 8.69 3.88
N GLU B 20 2.08 8.00 3.97
CA GLU B 20 2.44 6.79 3.24
CA GLU B 20 2.40 6.78 3.25
C GLU B 20 2.47 7.08 1.75
N ARG B 21 2.96 8.30 1.38
CA ARG B 21 3.13 8.77 0.02
C ARG B 21 4.62 8.65 -0.29
N TYR B 22 5.08 7.43 -0.53
CA TYR B 22 6.48 7.08 -0.62
C TYR B 22 7.11 7.62 -1.90
N ASP B 23 6.37 7.75 -3.03
CA ASP B 23 6.93 8.39 -4.21
C ASP B 23 7.28 9.86 -3.92
N ASP B 24 6.37 10.56 -3.26
CA ASP B 24 6.61 11.93 -2.82
C ASP B 24 7.83 12.00 -1.89
N MET B 25 7.89 11.08 -0.92
CA MET B 25 8.98 11.04 0.05
C MET B 25 10.33 10.84 -0.65
N ALA B 26 10.39 9.93 -1.62
CA ALA B 26 11.60 9.59 -2.35
C ALA B 26 12.03 10.73 -3.24
N ALA B 27 11.08 11.43 -3.90
CA ALA B 27 11.36 12.62 -4.71
C ALA B 27 12.01 13.69 -3.84
N CYS B 28 11.46 13.92 -2.62
CA CYS B 28 12.02 14.91 -1.71
C CYS B 28 13.49 14.58 -1.34
N MET B 29 13.74 13.32 -0.97
CA MET B 29 15.03 12.91 -0.47
C MET B 29 16.05 12.78 -1.59
N LYS B 30 15.63 12.40 -2.80
CA LYS B 30 16.48 12.52 -4.00
C LYS B 30 16.95 13.96 -4.23
N SER B 31 16.02 14.92 -4.16
CA SER B 31 16.34 16.32 -4.32
C SER B 31 17.32 16.82 -3.25
N VAL B 32 17.10 16.46 -1.97
CA VAL B 32 18.01 16.76 -0.88
C VAL B 32 19.41 16.23 -1.19
N THR B 33 19.50 14.94 -1.53
CA THR B 33 20.80 14.30 -1.81
C THR B 33 21.55 15.05 -2.93
N GLU B 34 20.83 15.37 -4.02
CA GLU B 34 21.37 16.08 -5.19
C GLU B 34 21.90 17.49 -4.89
N GLN B 35 21.53 18.14 -3.78
CA GLN B 35 22.16 19.38 -3.37
C GLN B 35 23.61 19.23 -2.93
N GLY B 36 24.03 17.99 -2.62
CA GLY B 36 25.45 17.66 -2.49
C GLY B 36 25.97 17.75 -1.06
N ALA B 37 25.18 18.19 -0.07
CA ALA B 37 25.60 18.20 1.33
C ALA B 37 25.41 16.79 1.92
N GLU B 38 26.27 16.43 2.89
CA GLU B 38 26.10 15.18 3.63
C GLU B 38 24.77 15.17 4.38
N LEU B 39 24.15 13.98 4.41
CA LEU B 39 22.91 13.79 5.13
C LEU B 39 23.22 13.62 6.62
N SER B 40 22.27 14.09 7.46
CA SER B 40 22.17 13.66 8.85
C SER B 40 21.66 12.23 8.97
N ASN B 41 21.73 11.69 10.22
CA ASN B 41 21.13 10.38 10.50
C ASN B 41 19.64 10.32 10.18
N GLU B 42 18.89 11.35 10.59
CA GLU B 42 17.47 11.42 10.30
CA GLU B 42 17.47 11.48 10.28
C GLU B 42 17.20 11.39 8.79
N GLU B 43 17.97 12.19 8.02
CA GLU B 43 17.82 12.27 6.58
C GLU B 43 18.16 10.94 5.89
N ARG B 44 19.24 10.26 6.31
CA ARG B 44 19.51 8.91 5.86
C ARG B 44 18.32 7.99 6.06
N ASN B 45 17.74 8.03 7.28
CA ASN B 45 16.58 7.20 7.57
C ASN B 45 15.43 7.51 6.60
N LEU B 46 15.18 8.80 6.30
CA LEU B 46 14.11 9.22 5.39
C LEU B 46 14.38 8.69 3.98
N LEU B 47 15.61 8.87 3.48
CA LEU B 47 16.01 8.30 2.20
C LEU B 47 15.78 6.79 2.13
N SER B 48 16.24 6.09 3.17
CA SER B 48 16.22 4.65 3.21
C SER B 48 14.77 4.15 3.25
N VAL B 49 13.93 4.75 4.11
CA VAL B 49 12.52 4.39 4.21
C VAL B 49 11.82 4.60 2.86
N ALA B 50 12.04 5.76 2.24
CA ALA B 50 11.35 6.15 1.03
C ALA B 50 11.61 5.09 -0.05
N TYR B 51 12.88 4.82 -0.37
CA TYR B 51 13.22 3.85 -1.42
C TYR B 51 12.88 2.39 -1.04
N LYS B 52 12.94 2.00 0.26
CA LYS B 52 12.53 0.66 0.67
CA LYS B 52 12.55 0.65 0.62
CA LYS B 52 12.50 0.68 0.75
C LYS B 52 11.08 0.41 0.26
N ASN B 53 10.23 1.39 0.51
CA ASN B 53 8.81 1.27 0.21
C ASN B 53 8.59 1.34 -1.31
N VAL B 54 9.27 2.25 -2.02
CA VAL B 54 9.09 2.39 -3.47
C VAL B 54 9.51 1.08 -4.16
N VAL B 55 10.71 0.56 -3.87
CA VAL B 55 11.17 -0.68 -4.47
C VAL B 55 10.34 -1.86 -3.96
N GLY B 56 9.93 -1.83 -2.68
CA GLY B 56 9.23 -2.95 -2.06
C GLY B 56 7.91 -3.29 -2.76
N ALA B 57 7.19 -2.24 -3.19
CA ALA B 57 5.94 -2.46 -3.93
C ALA B 57 6.17 -3.31 -5.20
N ARG B 58 7.30 -3.05 -5.87
CA ARG B 58 7.69 -3.79 -7.07
C ARG B 58 8.20 -5.18 -6.76
N ARG B 59 8.97 -5.36 -5.67
CA ARG B 59 9.47 -6.67 -5.31
C ARG B 59 8.34 -7.64 -4.98
N SER B 60 7.34 -7.17 -4.21
CA SER B 60 6.15 -7.95 -3.90
C SER B 60 5.35 -8.28 -5.15
N ALA B 61 5.07 -7.28 -5.99
CA ALA B 61 4.30 -7.50 -7.22
C ALA B 61 5.05 -8.47 -8.16
N TRP B 62 6.37 -8.32 -8.25
CA TRP B 62 7.19 -9.22 -9.05
C TRP B 62 7.07 -10.68 -8.60
N ARG B 63 7.15 -10.94 -7.27
CA ARG B 63 7.02 -12.29 -6.75
C ARG B 63 5.65 -12.91 -7.06
N VAL B 64 4.59 -12.12 -6.88
CA VAL B 64 3.24 -12.54 -7.24
C VAL B 64 3.14 -12.89 -8.72
N VAL B 65 3.62 -12.00 -9.60
CA VAL B 65 3.44 -12.22 -11.03
C VAL B 65 4.31 -13.41 -11.52
N SER B 66 5.53 -13.53 -10.99
CA SER B 66 6.41 -14.68 -11.24
C SER B 66 5.81 -16.02 -10.84
N SER B 67 5.26 -16.07 -9.63
CA SER B 67 4.56 -17.23 -9.13
C SER B 67 3.36 -17.62 -10.03
N ILE B 68 2.51 -16.63 -10.40
CA ILE B 68 1.39 -16.84 -11.32
C ILE B 68 1.90 -17.38 -12.66
N GLU B 69 2.99 -16.79 -13.19
CA GLU B 69 3.61 -17.16 -14.46
C GLU B 69 3.95 -18.66 -14.55
N GLN B 70 4.20 -19.36 -13.42
CA GLN B 70 4.01 -20.82 -13.28
C GLN B 70 2.61 -21.16 -12.71
N ALA B 75 -2.42 -21.32 -20.96
CA ALA B 75 -2.66 -20.97 -22.40
C ALA B 75 -1.68 -19.87 -22.86
N ALA B 76 -1.43 -19.84 -24.18
CA ALA B 76 -0.39 -19.01 -24.78
C ALA B 76 -0.60 -17.53 -24.45
N ALA B 77 -1.82 -17.02 -24.69
CA ALA B 77 -2.16 -15.61 -24.51
C ALA B 77 -1.99 -15.18 -23.05
N ALA B 78 -2.45 -16.02 -22.12
CA ALA B 78 -2.32 -15.86 -20.68
C ALA B 78 -0.86 -15.83 -20.22
N GLN B 79 -0.04 -16.78 -20.74
CA GLN B 79 1.36 -16.92 -20.40
CA GLN B 79 1.35 -16.88 -20.33
C GLN B 79 2.10 -15.64 -20.81
N GLN B 80 1.82 -15.18 -22.04
CA GLN B 80 2.44 -13.99 -22.58
C GLN B 80 2.06 -12.75 -21.76
N MET B 81 0.78 -12.59 -21.42
CA MET B 81 0.35 -11.46 -20.59
C MET B 81 1.08 -11.42 -19.27
N ALA B 82 1.17 -12.57 -18.59
CA ALA B 82 1.91 -12.69 -17.34
C ALA B 82 3.38 -12.30 -17.50
N ARG B 83 4.02 -12.81 -18.57
CA ARG B 83 5.42 -12.50 -18.84
C ARG B 83 5.60 -11.00 -19.07
N GLU B 84 4.78 -10.40 -19.93
CA GLU B 84 4.92 -9.00 -20.29
C GLU B 84 4.65 -8.08 -19.09
N TYR B 85 3.73 -8.48 -18.22
CA TYR B 85 3.49 -7.78 -16.96
C TYR B 85 4.68 -7.84 -16.02
N ARG B 86 5.23 -9.04 -15.84
CA ARG B 86 6.46 -9.22 -15.09
C ARG B 86 7.59 -8.30 -15.58
N GLU B 87 7.77 -8.23 -16.90
CA GLU B 87 8.84 -7.45 -17.51
C GLU B 87 8.64 -5.96 -17.22
N LYS B 88 7.39 -5.48 -17.28
CA LYS B 88 7.03 -4.11 -16.96
C LYS B 88 7.41 -3.79 -15.52
N ILE B 89 7.08 -4.71 -14.60
CA ILE B 89 7.42 -4.56 -13.19
C ILE B 89 8.93 -4.55 -13.01
N GLU B 90 9.64 -5.47 -13.70
CA GLU B 90 11.09 -5.57 -13.67
C GLU B 90 11.75 -4.26 -14.14
N THR B 91 11.21 -3.64 -15.20
CA THR B 91 11.74 -2.40 -15.71
C THR B 91 11.63 -1.31 -14.62
N GLU B 92 10.46 -1.20 -13.96
CA GLU B 92 10.29 -0.28 -12.84
C GLU B 92 11.32 -0.55 -11.73
N LEU B 93 11.48 -1.84 -11.39
CA LEU B 93 12.37 -2.25 -10.31
C LEU B 93 13.81 -1.85 -10.63
N ARG B 94 14.27 -2.11 -11.87
CA ARG B 94 15.61 -1.70 -12.30
C ARG B 94 15.82 -0.20 -12.30
N ASP B 95 14.80 0.56 -12.75
CA ASP B 95 14.84 2.02 -12.77
C ASP B 95 14.96 2.58 -11.37
N ILE B 96 14.21 1.99 -10.41
CA ILE B 96 14.27 2.41 -9.02
C ILE B 96 15.67 2.13 -8.48
N CYS B 97 16.15 0.89 -8.65
CA CYS B 97 17.48 0.52 -8.18
C CYS B 97 18.59 1.38 -8.80
N ASN B 98 18.48 1.70 -10.07
CA ASN B 98 19.45 2.55 -10.75
C ASN B 98 19.47 3.97 -10.20
N ASP B 99 18.30 4.54 -9.86
CA ASP B 99 18.27 5.85 -9.23
C ASP B 99 19.05 5.83 -7.92
N VAL B 100 18.71 4.86 -7.05
CA VAL B 100 19.36 4.73 -5.75
C VAL B 100 20.85 4.54 -5.90
N LEU B 101 21.23 3.59 -6.74
CA LEU B 101 22.64 3.29 -6.95
C LEU B 101 23.42 4.49 -7.50
N SER B 102 22.82 5.28 -8.39
CA SER B 102 23.41 6.50 -8.88
C SER B 102 23.63 7.55 -7.77
N LEU B 103 22.64 7.76 -6.89
CA LEU B 103 22.75 8.65 -5.75
C LEU B 103 23.90 8.24 -4.85
N LEU B 104 24.00 6.93 -4.59
CA LEU B 104 25.04 6.34 -3.77
C LEU B 104 26.44 6.58 -4.38
N GLU B 105 26.57 6.31 -5.68
CA GLU B 105 27.87 6.46 -6.37
C GLU B 105 28.23 7.94 -6.53
N LYS B 106 27.30 8.79 -6.96
CA LYS B 106 27.60 10.19 -7.27
C LYS B 106 27.73 11.06 -6.01
N PHE B 107 26.91 10.85 -4.95
CA PHE B 107 26.85 11.77 -3.81
C PHE B 107 27.22 11.10 -2.50
N LEU B 108 26.53 10.03 -2.12
CA LEU B 108 26.47 9.62 -0.74
C LEU B 108 27.77 8.92 -0.33
N ILE B 109 28.24 7.91 -1.09
CA ILE B 109 29.44 7.17 -0.70
C ILE B 109 30.67 8.09 -0.70
N PRO B 110 30.97 8.85 -1.78
CA PRO B 110 32.18 9.68 -1.77
C PRO B 110 32.22 10.81 -0.75
N ASN B 111 31.06 11.29 -0.30
CA ASN B 111 30.96 12.32 0.73
C ASN B 111 30.84 11.84 2.16
N ALA B 112 30.75 10.52 2.40
CA ALA B 112 30.44 10.00 3.73
C ALA B 112 31.67 10.19 4.62
N SER B 113 31.59 11.12 5.59
CA SER B 113 32.73 11.57 6.38
C SER B 113 32.98 10.74 7.64
N GLN B 114 32.10 9.78 7.98
CA GLN B 114 32.24 8.90 9.13
C GLN B 114 32.01 7.46 8.72
N ALA B 115 32.54 6.54 9.54
CA ALA B 115 32.43 5.11 9.27
C ALA B 115 30.98 4.70 9.27
N GLU B 116 30.16 5.20 10.25
CA GLU B 116 28.77 4.79 10.34
C GLU B 116 28.02 5.08 9.02
N SER B 117 28.17 6.30 8.49
CA SER B 117 27.47 6.69 7.27
C SER B 117 28.02 5.95 6.06
N LYS B 118 29.34 5.76 6.01
CA LYS B 118 29.97 5.03 4.92
C LYS B 118 29.45 3.61 4.86
N VAL B 119 29.41 2.93 6.03
CA VAL B 119 28.88 1.58 6.12
C VAL B 119 27.40 1.57 5.73
N PHE B 120 26.61 2.52 6.23
CA PHE B 120 25.19 2.60 5.89
C PHE B 120 25.01 2.61 4.39
N TYR B 121 25.82 3.45 3.67
CA TYR B 121 25.65 3.59 2.23
C TYR B 121 26.21 2.40 1.47
N LEU B 122 27.32 1.80 1.94
CA LEU B 122 27.86 0.60 1.29
C LEU B 122 26.90 -0.58 1.46
N LYS B 123 26.29 -0.69 2.64
CA LYS B 123 25.21 -1.67 2.85
C LYS B 123 24.05 -1.42 1.92
N MET B 124 23.64 -0.16 1.78
CA MET B 124 22.53 0.19 0.88
C MET B 124 22.86 -0.17 -0.57
N LYS B 125 24.12 0.10 -1.01
CA LYS B 125 24.56 -0.33 -2.34
C LYS B 125 24.46 -1.84 -2.55
N GLY B 126 24.90 -2.58 -1.54
CA GLY B 126 24.78 -4.04 -1.49
C GLY B 126 23.30 -4.45 -1.58
N ASP B 127 22.42 -3.75 -0.85
CA ASP B 127 21.00 -4.04 -0.85
C ASP B 127 20.36 -3.85 -2.25
N TYR B 128 20.64 -2.72 -2.92
CA TYR B 128 19.97 -2.40 -4.16
C TYR B 128 20.51 -3.26 -5.31
N TYR B 129 21.81 -3.60 -5.30
CA TYR B 129 22.31 -4.62 -6.21
C TYR B 129 21.71 -5.99 -5.89
N ARG B 130 21.48 -6.30 -4.60
CA ARG B 130 20.81 -7.53 -4.23
C ARG B 130 19.40 -7.59 -4.79
N TYR B 131 18.67 -6.47 -4.72
CA TYR B 131 17.32 -6.44 -5.31
C TYR B 131 17.38 -6.63 -6.81
N LEU B 132 18.35 -6.04 -7.50
CA LEU B 132 18.63 -6.37 -8.89
C LEU B 132 18.92 -7.87 -9.10
N ALA B 133 19.70 -8.49 -8.24
CA ALA B 133 20.06 -9.90 -8.35
C ALA B 133 18.84 -10.84 -8.19
N GLU B 134 17.84 -10.40 -7.41
CA GLU B 134 16.59 -11.14 -7.28
C GLU B 134 15.85 -11.36 -8.61
N VAL B 135 16.02 -10.49 -9.61
CA VAL B 135 15.30 -10.60 -10.87
C VAL B 135 16.24 -10.89 -12.06
N ALA B 136 17.55 -10.69 -11.94
CA ALA B 136 18.44 -10.75 -13.09
C ALA B 136 18.63 -12.21 -13.55
N ALA B 137 18.74 -12.42 -14.86
CA ALA B 137 18.97 -13.74 -15.45
C ALA B 137 19.73 -13.54 -16.76
N GLY B 138 21.07 -13.70 -16.75
CA GLY B 138 21.83 -13.84 -17.98
C GLY B 138 23.29 -13.46 -17.78
N ASP B 139 23.89 -12.81 -18.80
CA ASP B 139 25.27 -12.32 -18.72
C ASP B 139 25.39 -11.29 -17.57
N ASP B 140 24.39 -10.40 -17.41
CA ASP B 140 24.48 -9.32 -16.41
C ASP B 140 24.31 -9.82 -14.97
N LYS B 141 23.77 -11.03 -14.70
CA LYS B 141 23.53 -11.51 -13.34
C LYS B 141 24.84 -11.60 -12.56
N LYS B 142 25.85 -12.21 -13.19
CA LYS B 142 27.18 -12.35 -12.60
C LYS B 142 27.73 -11.00 -12.13
N GLY B 143 27.66 -9.99 -13.01
CA GLY B 143 28.07 -8.62 -12.72
C GLY B 143 27.34 -8.04 -11.51
N ILE B 144 26.01 -8.20 -11.49
CA ILE B 144 25.18 -7.65 -10.46
C ILE B 144 25.52 -8.25 -9.09
N VAL B 145 25.61 -9.60 -9.05
CA VAL B 145 25.90 -10.31 -7.83
C VAL B 145 27.28 -9.88 -7.28
N ASP B 146 28.32 -9.83 -8.14
N ASP B 146 28.29 -9.82 -8.15
CA ASP B 146 29.66 -9.39 -7.75
CA ASP B 146 29.64 -9.38 -7.80
C ASP B 146 29.65 -7.99 -7.15
C ASP B 146 29.66 -7.99 -7.17
N GLN B 147 28.88 -7.06 -7.73
CA GLN B 147 28.73 -5.70 -7.20
C GLN B 147 28.10 -5.71 -5.81
N SER B 148 27.04 -6.51 -5.60
CA SER B 148 26.40 -6.61 -4.31
C SER B 148 27.38 -7.11 -3.25
N GLN B 149 28.09 -8.18 -3.58
CA GLN B 149 28.99 -8.82 -2.64
C GLN B 149 30.15 -7.88 -2.27
N GLN B 150 30.74 -7.19 -3.25
CA GLN B 150 31.88 -6.30 -3.05
CA GLN B 150 31.90 -6.34 -3.00
C GLN B 150 31.47 -5.15 -2.14
N ALA B 151 30.24 -4.63 -2.33
CA ALA B 151 29.75 -3.51 -1.54
C ALA B 151 29.53 -3.98 -0.10
N TYR B 152 28.87 -5.13 0.06
CA TYR B 152 28.70 -5.71 1.37
C TYR B 152 30.03 -6.03 2.06
N GLN B 153 30.99 -6.60 1.32
CA GLN B 153 32.28 -6.96 1.90
C GLN B 153 33.02 -5.72 2.43
N GLU B 154 33.03 -4.65 1.64
CA GLU B 154 33.65 -3.40 2.08
C GLU B 154 32.98 -2.82 3.33
N ALA B 155 31.63 -2.77 3.32
CA ALA B 155 30.85 -2.36 4.48
C ALA B 155 31.21 -3.22 5.69
N PHE B 156 31.36 -4.54 5.50
CA PHE B 156 31.59 -5.48 6.57
C PHE B 156 32.97 -5.26 7.21
N GLU B 157 33.98 -5.04 6.36
CA GLU B 157 35.35 -4.82 6.83
C GLU B 157 35.43 -3.49 7.58
N ILE B 158 34.87 -2.42 7.03
CA ILE B 158 34.87 -1.12 7.71
C ILE B 158 34.18 -1.25 9.07
N SER B 159 32.98 -1.86 9.09
CA SER B 159 32.22 -1.95 10.34
C SER B 159 32.95 -2.86 11.33
N ALA B 160 33.62 -3.95 10.89
CA ALA B 160 34.38 -4.80 11.80
C ALA B 160 35.54 -4.02 12.45
N ALA B 161 36.25 -3.22 11.69
CA ALA B 161 37.35 -2.40 12.20
C ALA B 161 36.90 -1.19 13.02
N ALA B 162 35.71 -0.58 12.76
CA ALA B 162 35.44 0.79 13.20
C ALA B 162 34.19 0.97 14.08
N MET B 163 33.30 -0.04 14.19
CA MET B 163 32.01 0.13 14.83
C MET B 163 31.82 -0.97 15.85
N GLN B 164 30.98 -0.67 16.85
CA GLN B 164 30.72 -1.60 17.93
C GLN B 164 29.79 -2.71 17.43
N PRO B 165 29.91 -3.95 17.95
CA PRO B 165 29.05 -5.05 17.49
C PRO B 165 27.54 -4.86 17.71
N THR B 166 27.16 -4.02 18.68
CA THR B 166 25.76 -3.68 18.94
C THR B 166 25.20 -2.63 18.00
N HIS B 167 26.03 -1.96 17.15
CA HIS B 167 25.58 -0.87 16.34
C HIS B 167 24.47 -1.36 15.41
N PRO B 168 23.25 -0.77 15.43
CA PRO B 168 22.19 -1.24 14.55
C PRO B 168 22.54 -1.35 13.07
N ILE B 169 23.40 -0.46 12.59
CA ILE B 169 23.87 -0.53 11.20
C ILE B 169 24.75 -1.78 10.98
N ARG B 170 25.69 -2.09 11.89
CA ARG B 170 26.52 -3.25 11.78
C ARG B 170 25.66 -4.52 11.84
N LEU B 171 24.67 -4.54 12.76
CA LEU B 171 23.76 -5.68 12.85
C LEU B 171 22.91 -5.84 11.60
N GLY B 172 22.32 -4.74 11.12
CA GLY B 172 21.52 -4.72 9.88
C GLY B 172 22.32 -5.18 8.66
N LEU B 173 23.58 -4.74 8.59
CA LEU B 173 24.49 -5.21 7.57
C LEU B 173 24.67 -6.72 7.64
N ALA B 174 24.96 -7.23 8.84
CA ALA B 174 25.14 -8.67 9.06
C ALA B 174 23.90 -9.45 8.62
N LEU B 175 22.74 -8.92 9.02
CA LEU B 175 21.48 -9.55 8.63
C LEU B 175 21.34 -9.66 7.11
N ASN B 176 21.55 -8.54 6.39
CA ASN B 176 21.36 -8.50 4.95
C ASN B 176 22.45 -9.26 4.19
N PHE B 177 23.69 -9.15 4.65
CA PHE B 177 24.78 -9.94 4.05
C PHE B 177 24.54 -11.45 4.23
N SER B 178 24.06 -11.86 5.42
N SER B 178 24.02 -11.88 5.41
CA SER B 178 23.68 -13.24 5.68
CA SER B 178 23.65 -13.28 5.68
C SER B 178 22.62 -13.72 4.70
C SER B 178 22.60 -13.73 4.68
N VAL B 179 21.60 -12.87 4.41
CA VAL B 179 20.53 -13.23 3.49
C VAL B 179 21.07 -13.31 2.06
N PHE B 180 21.97 -12.39 1.71
CA PHE B 180 22.66 -12.46 0.43
C PHE B 180 23.34 -13.83 0.24
N TYR B 181 24.13 -14.27 1.23
CA TYR B 181 24.77 -15.56 1.14
C TYR B 181 23.73 -16.65 0.99
N TYR B 182 22.66 -16.58 1.80
CA TYR B 182 21.71 -17.69 1.84
C TYR B 182 21.01 -17.83 0.48
N GLU B 183 20.43 -16.75 0.00
CA GLU B 183 19.47 -16.85 -1.10
C GLU B 183 20.02 -16.39 -2.45
N ILE B 184 21.02 -15.50 -2.51
CA ILE B 184 21.64 -15.13 -3.78
C ILE B 184 22.76 -16.11 -4.10
N LEU B 185 23.65 -16.41 -3.15
CA LEU B 185 24.77 -17.33 -3.36
C LEU B 185 24.47 -18.81 -3.09
N ASN B 186 23.31 -19.16 -2.48
N ASN B 186 23.34 -19.15 -2.43
CA ASN B 186 22.97 -20.51 -2.06
CA ASN B 186 22.99 -20.52 -2.10
C ASN B 186 24.08 -21.13 -1.21
C ASN B 186 24.05 -21.16 -1.19
N SER B 187 24.44 -20.40 -0.16
CA SER B 187 25.52 -20.73 0.78
C SER B 187 24.95 -20.68 2.19
N PRO B 188 24.12 -21.65 2.60
CA PRO B 188 23.44 -21.58 3.89
C PRO B 188 24.40 -21.66 5.09
N GLU B 189 25.43 -22.49 5.00
CA GLU B 189 26.42 -22.64 6.06
C GLU B 189 27.07 -21.27 6.39
N LYS B 190 27.56 -20.59 5.33
CA LYS B 190 28.17 -19.27 5.43
C LYS B 190 27.15 -18.23 5.91
N ALA B 191 25.93 -18.29 5.40
CA ALA B 191 24.86 -17.38 5.83
C ALA B 191 24.62 -17.51 7.33
N SER B 193 26.71 -18.87 9.64
N SER B 193 26.72 -18.87 9.64
CA SER B 193 27.92 -18.47 10.34
CA SER B 193 27.95 -18.46 10.32
C SER B 193 27.97 -16.96 10.57
C SER B 193 28.01 -16.96 10.57
N LEU B 194 27.71 -16.22 9.50
CA LEU B 194 27.77 -14.76 9.50
C LEU B 194 26.73 -14.16 10.49
N ALA B 195 25.48 -14.65 10.39
CA ALA B 195 24.41 -14.17 11.27
C ALA B 195 24.69 -14.47 12.74
N LYS B 196 25.12 -15.73 13.02
CA LYS B 196 25.33 -16.20 14.36
C LYS B 196 26.47 -15.44 15.04
N THR B 197 27.58 -15.23 14.33
CA THR B 197 28.71 -14.47 14.85
C THR B 197 28.26 -13.05 15.24
N ALA B 198 27.55 -12.37 14.35
CA ALA B 198 27.03 -11.03 14.59
C ALA B 198 26.10 -10.96 15.80
N PHE B 199 25.17 -11.92 15.90
CA PHE B 199 24.33 -12.05 17.09
C PHE B 199 25.16 -12.21 18.38
N ASP B 200 26.15 -13.11 18.38
CA ASP B 200 26.92 -13.44 19.58
C ASP B 200 27.80 -12.29 20.01
N GLU B 201 28.42 -11.61 19.05
CA GLU B 201 29.25 -10.45 19.37
C GLU B 201 28.43 -9.31 19.98
N ALA B 202 27.20 -9.10 19.51
CA ALA B 202 26.30 -8.11 20.10
C ALA B 202 25.78 -8.50 21.48
N ILE B 203 25.43 -9.79 21.72
CA ILE B 203 25.03 -10.28 23.05
C ILE B 203 26.05 -9.91 24.11
N ALA B 204 27.35 -10.08 23.78
CA ALA B 204 28.40 -9.86 24.75
C ALA B 204 28.49 -8.40 25.22
N GLU B 205 27.95 -7.41 24.47
CA GLU B 205 28.02 -6.00 24.85
C GLU B 205 26.67 -5.30 25.09
N LEU B 206 25.61 -6.09 25.34
CA LEU B 206 24.24 -5.55 25.42
C LEU B 206 24.03 -4.73 26.69
N ASP B 207 24.64 -5.19 27.80
CA ASP B 207 24.69 -4.52 29.10
C ASP B 207 25.22 -3.09 29.05
N THR B 208 26.02 -2.72 28.02
CA THR B 208 26.58 -1.39 27.89
C THR B 208 25.57 -0.36 27.36
N LEU B 209 24.41 -0.73 26.80
CA LEU B 209 23.59 0.18 26.00
C LEU B 209 22.60 0.97 26.84
N SER B 210 22.21 2.17 26.37
CA SER B 210 21.02 2.87 26.83
C SER B 210 19.78 2.05 26.48
N GLU B 211 18.67 2.39 27.15
CA GLU B 211 17.36 1.81 26.86
C GLU B 211 16.97 1.94 25.39
N GLU B 212 17.19 3.13 24.77
CA GLU B 212 16.78 3.34 23.37
C GLU B 212 17.69 2.56 22.40
N SER B 213 19.00 2.49 22.71
CA SER B 213 19.97 1.72 21.93
C SER B 213 19.68 0.21 21.99
N TYR B 214 19.36 -0.29 23.20
CA TYR B 214 18.93 -1.66 23.45
C TYR B 214 17.74 -2.03 22.56
N LYS B 215 16.73 -1.16 22.45
CA LYS B 215 15.54 -1.42 21.63
C LYS B 215 15.89 -1.60 20.16
N ASP B 216 16.69 -0.67 19.64
CA ASP B 216 17.12 -0.70 18.24
C ASP B 216 17.94 -1.97 17.93
N SER B 217 18.91 -2.27 18.82
CA SER B 217 19.83 -3.37 18.59
C SER B 217 19.07 -4.68 18.69
N THR B 218 18.28 -4.83 19.78
CA THR B 218 17.56 -6.11 19.99
C THR B 218 16.54 -6.39 18.88
N LEU B 219 15.91 -5.38 18.27
CA LEU B 219 15.03 -5.56 17.13
C LEU B 219 15.72 -6.28 15.96
N ILE B 220 16.97 -5.89 15.65
CA ILE B 220 17.76 -6.51 14.59
C ILE B 220 18.30 -7.85 15.05
N MET B 221 18.68 -8.00 16.31
CA MET B 221 19.12 -9.28 16.86
C MET B 221 17.97 -10.31 16.80
N GLN B 222 16.74 -9.88 17.04
CA GLN B 222 15.59 -10.76 16.86
C GLN B 222 15.45 -11.25 15.44
N LEU B 223 15.66 -10.40 14.44
CA LEU B 223 15.60 -10.80 13.03
C LEU B 223 16.69 -11.81 12.70
N LEU B 224 17.92 -11.59 13.21
CA LEU B 224 19.00 -12.56 13.07
C LEU B 224 18.59 -13.93 13.63
N ARG B 225 18.11 -13.96 14.89
CA ARG B 225 17.67 -15.18 15.55
C ARG B 225 16.56 -15.86 14.75
N ASP B 226 15.59 -15.08 14.24
CA ASP B 226 14.47 -15.66 13.51
C ASP B 226 14.95 -16.33 12.21
N ASN B 227 15.88 -15.71 11.50
CA ASN B 227 16.45 -16.30 10.28
C ASN B 227 17.21 -17.59 10.60
N LEU B 228 18.05 -17.56 11.66
CA LEU B 228 18.76 -18.77 12.11
C LEU B 228 17.79 -19.91 12.41
N THR B 229 16.65 -19.59 13.05
CA THR B 229 15.66 -20.58 13.44
C THR B 229 14.99 -21.18 12.20
N LEU B 230 14.52 -20.29 11.32
CA LEU B 230 13.92 -20.62 10.04
C LEU B 230 14.84 -21.54 9.22
N TRP B 231 16.10 -21.15 9.09
CA TRP B 231 17.01 -21.84 8.19
C TRP B 231 17.42 -23.22 8.70
N THR B 232 17.71 -23.37 10.00
CA THR B 232 18.21 -24.61 10.59
C THR B 232 17.06 -25.52 10.95
N GLY B 233 15.99 -24.93 11.52
CA GLY B 233 14.87 -25.67 12.05
C GLY B 233 13.76 -25.98 11.04
N GLY B 234 13.68 -25.21 9.95
CA GLY B 234 12.63 -25.34 8.96
C GLY B 234 11.49 -24.36 9.26
N GLY B 235 10.69 -24.18 8.23
CA GLY B 235 9.58 -23.24 8.29
C GLY B 235 9.20 -22.75 6.90
N GLY B 236 7.98 -22.27 6.82
CA GLY B 236 7.35 -21.78 5.59
C GLY B 236 7.51 -20.25 5.42
N SER B 237 7.84 -19.51 6.47
CA SER B 237 7.73 -18.05 6.46
C SER B 237 8.91 -17.42 5.72
N ARG B 238 8.72 -16.16 5.39
CA ARG B 238 9.69 -15.40 4.62
C ARG B 238 10.77 -14.90 5.57
N ARG B 239 12.04 -15.11 5.19
CA ARG B 239 13.17 -14.54 5.94
C ARG B 239 13.09 -13.03 6.12
N GLY B 240 13.72 -12.53 7.20
CA GLY B 240 13.77 -11.11 7.51
C GLY B 240 15.01 -10.42 6.93
N SER B 242 16.77 -6.16 6.92
CA SER B 242 16.87 -5.11 7.87
C SER B 242 15.74 -4.10 7.70
N PRO B 243 15.23 -3.51 8.82
CA PRO B 243 14.40 -2.30 8.70
C PRO B 243 15.19 -1.21 7.99
N ALA B 244 14.44 -0.35 7.29
CA ALA B 244 15.01 0.83 6.63
C ALA B 244 15.56 1.83 7.65
N ARG B 245 14.84 1.97 8.78
CA ARG B 245 15.25 2.83 9.88
C ARG B 245 15.87 1.93 10.94
N MET B 246 17.20 1.89 11.00
CA MET B 246 17.93 0.97 11.88
C MET B 246 18.12 1.56 13.28
N ALA B 247 18.50 2.85 13.38
CA ALA B 247 18.86 3.51 14.64
C ALA B 247 18.16 4.86 14.70
N GLY B 248 17.40 5.11 15.78
CA GLY B 248 16.96 6.46 16.12
C GLY B 248 15.81 6.98 15.22
N ASN B 249 15.63 8.33 15.18
CA ASN B 249 14.52 9.01 14.51
C ASN B 249 14.64 8.92 12.97
#